data_8RD0
#
_entry.id   8RD0
#
_cell.length_a   62.795
_cell.length_b   62.795
_cell.length_c   231.755
_cell.angle_alpha   90.00
_cell.angle_beta   90.00
_cell.angle_gamma   90.00
#
_symmetry.space_group_name_H-M   'P 43 21 2'
#
loop_
_entity.id
_entity.type
_entity.pdbx_description
1 polymer 'E3 ubiquitin-protein ligase HUWE1'
2 non-polymer 'CHLORIDE ION'
3 non-polymer '(1,3-dioxo-1,3-dihydro-2H-isoindol-2-yl)acetic acid'
4 water water
#
_entity_poly.entity_id   1
_entity_poly.type   'polypeptide(L)'
_entity_poly.pdbx_seq_one_letter_code
;GQSNSNNWRWFDDRSGRWCSYSASNNSTIDSAWKSGETSVRFTAGRRRYTVQFTTMVQVNEETGNRRPVMLTLLRVPRLN
KNSKNSNGQEL
;
_entity_poly.pdbx_strand_id   A,B,C,D
#
loop_
_chem_comp.id
_chem_comp.type
_chem_comp.name
_chem_comp.formula
51X non-polymer '(1,3-dioxo-1,3-dihydro-2H-isoindol-2-yl)acetic acid' 'C10 H7 N O4'
CL non-polymer 'CHLORIDE ION' 'Cl -1'
#
# COMPACT_ATOMS: atom_id res chain seq x y z
N ASN A 7 14.49 -1.96 -0.59
CA ASN A 7 13.16 -1.51 -0.88
C ASN A 7 13.04 0.01 -1.12
N TRP A 8 14.04 0.82 -0.72
CA TRP A 8 14.02 2.27 -0.94
C TRP A 8 14.84 2.61 -2.18
N ARG A 9 14.39 3.63 -2.92
CA ARG A 9 15.07 4.08 -4.12
C ARG A 9 15.08 5.60 -4.16
N TRP A 10 16.06 6.17 -4.86
CA TRP A 10 16.18 7.62 -5.08
C TRP A 10 16.31 7.84 -6.59
N PHE A 11 15.75 8.95 -7.11
CA PHE A 11 15.78 9.21 -8.55
C PHE A 11 16.99 10.02 -8.97
N ASP A 12 17.64 9.59 -10.03
CA ASP A 12 18.78 10.30 -10.60
C ASP A 12 18.31 11.07 -11.85
N ASP A 13 18.23 12.40 -11.76
CA ASP A 13 17.76 13.24 -12.87
C ASP A 13 18.74 13.37 -14.02
N ARG A 14 20.00 12.96 -13.85
CA ARG A 14 20.97 13.04 -14.95
C ARG A 14 20.64 11.89 -15.91
N SER A 15 20.53 10.66 -15.38
CA SER A 15 20.21 9.50 -16.19
C SER A 15 18.72 9.26 -16.39
N GLY A 16 17.85 9.87 -15.58
CA GLY A 16 16.42 9.65 -15.66
C GLY A 16 15.99 8.29 -15.15
N ARG A 17 16.65 7.77 -14.10
CA ARG A 17 16.33 6.45 -13.57
C ARG A 17 16.30 6.42 -12.06
N TRP A 18 15.51 5.51 -11.51
CA TRP A 18 15.50 5.23 -10.06
C TRP A 18 16.75 4.38 -9.76
N CYS A 19 17.35 4.60 -8.58
CA CYS A 19 18.58 3.94 -8.14
C CYS A 19 18.40 3.37 -6.74
N SER A 20 19.09 2.28 -6.45
CA SER A 20 19.04 1.66 -5.14
C SER A 20 20.05 2.26 -4.19
N TYR A 21 19.77 2.17 -2.89
CA TYR A 21 20.69 2.59 -1.85
C TYR A 21 21.63 1.40 -1.53
N SER A 22 22.73 1.65 -0.82
CA SER A 22 23.56 0.55 -0.29
C SER A 22 22.71 -0.21 0.74
N ALA A 23 23.05 -1.47 1.06
CA ALA A 23 22.28 -2.25 2.03
C ALA A 23 22.23 -1.54 3.40
N SER A 24 23.34 -0.92 3.80
CA SER A 24 23.44 -0.21 5.08
C SER A 24 22.54 1.04 5.11
N ASN A 25 22.58 1.86 4.06
CA ASN A 25 21.76 3.07 4.03
C ASN A 25 20.29 2.73 3.89
N ASN A 26 19.98 1.69 3.08
CA ASN A 26 18.60 1.23 2.96
C ASN A 26 18.05 0.79 4.33
N SER A 27 18.87 0.07 5.11
CA SER A 27 18.47 -0.38 6.44
C SER A 27 18.30 0.81 7.42
N THR A 28 19.17 1.83 7.33
CA THR A 28 19.04 3.03 8.18
C THR A 28 17.73 3.76 7.88
N ILE A 29 17.43 3.91 6.58
CA ILE A 29 16.21 4.59 6.15
C ILE A 29 14.97 3.79 6.57
N ASP A 30 14.96 2.50 6.25
CA ASP A 30 13.81 1.64 6.56
C ASP A 30 13.57 1.51 8.08
N SER A 31 14.63 1.50 8.91
CA SER A 31 14.46 1.44 10.37
C SER A 31 13.76 2.69 10.90
N ALA A 32 14.15 3.88 10.39
CA ALA A 32 13.50 5.12 10.79
C ALA A 32 12.06 5.15 10.28
N TRP A 33 11.81 4.65 9.06
CA TRP A 33 10.47 4.58 8.49
C TRP A 33 9.55 3.73 9.40
N LYS A 34 10.02 2.54 9.78
CA LYS A 34 9.22 1.63 10.62
C LYS A 34 9.06 2.15 12.05
N SER A 35 10.00 2.96 12.56
CA SER A 35 9.91 3.54 13.90
C SER A 35 8.97 4.77 13.99
N GLY A 36 8.36 5.20 12.89
CA GLY A 36 7.46 6.34 12.90
C GLY A 36 8.13 7.70 12.87
N GLU A 37 9.44 7.76 12.54
CA GLU A 37 10.15 9.03 12.47
C GLU A 37 9.68 9.80 11.22
N THR A 38 9.72 11.13 11.27
CA THR A 38 9.33 11.95 10.11
C THR A 38 10.50 12.20 9.15
N SER A 39 11.74 11.94 9.59
CA SER A 39 12.94 12.11 8.78
C SER A 39 14.09 11.24 9.35
N VAL A 40 15.15 11.05 8.56
CA VAL A 40 16.30 10.27 8.96
C VAL A 40 17.54 10.83 8.29
N ARG A 41 18.66 10.88 9.02
CA ARG A 41 19.92 11.29 8.47
C ARG A 41 20.77 10.06 8.17
N PHE A 42 21.57 10.13 7.12
CA PHE A 42 22.51 9.06 6.78
C PHE A 42 23.68 9.65 6.00
N THR A 43 24.78 8.90 5.90
CA THR A 43 25.98 9.36 5.20
C THR A 43 26.36 8.38 4.10
N ALA A 44 27.04 8.86 3.07
CA ALA A 44 27.61 8.03 2.02
C ALA A 44 28.96 8.64 1.70
N GLY A 45 30.02 8.14 2.33
CA GLY A 45 31.35 8.69 2.16
C GLY A 45 31.40 10.04 2.84
N ARG A 46 31.79 11.07 2.09
CA ARG A 46 31.82 12.43 2.60
C ARG A 46 30.44 13.14 2.42
N ARG A 47 29.45 12.49 1.82
CA ARG A 47 28.15 13.10 1.58
C ARG A 47 27.22 12.87 2.80
N ARG A 48 26.39 13.87 3.11
CA ARG A 48 25.47 13.84 4.25
C ARG A 48 24.10 14.14 3.72
N TYR A 49 23.10 13.29 4.07
CA TYR A 49 21.75 13.45 3.56
C TYR A 49 20.71 13.34 4.66
N THR A 50 19.53 13.93 4.40
CA THR A 50 18.34 13.74 5.20
C THR A 50 17.24 13.24 4.27
N VAL A 51 16.55 12.14 4.60
CA VAL A 51 15.38 11.72 3.89
C VAL A 51 14.22 12.28 4.69
N GLN A 52 13.37 13.10 4.04
CA GLN A 52 12.20 13.68 4.62
C GLN A 52 11.01 12.81 4.20
N PHE A 53 10.45 12.06 5.13
CA PHE A 53 9.34 11.16 4.83
C PHE A 53 8.01 11.87 4.61
N THR A 54 7.87 13.12 5.08
CA THR A 54 6.64 13.85 4.89
C THR A 54 6.51 14.40 3.46
N THR A 55 7.64 14.53 2.74
CA THR A 55 7.66 14.98 1.35
C THR A 55 8.21 13.90 0.41
N MET A 56 8.81 12.80 0.91
CA MET A 56 9.42 11.74 0.12
C MET A 56 10.51 12.34 -0.77
N VAL A 57 11.42 13.07 -0.12
CA VAL A 57 12.54 13.69 -0.78
C VAL A 57 13.80 13.48 0.09
N GLN A 58 14.94 13.18 -0.55
CA GLN A 58 16.26 13.11 0.04
C GLN A 58 16.88 14.49 -0.20
N VAL A 59 17.40 15.13 0.85
CA VAL A 59 18.02 16.45 0.76
C VAL A 59 19.50 16.30 1.10
N ASN A 60 20.37 16.80 0.21
CA ASN A 60 21.81 16.81 0.44
C ASN A 60 22.03 17.95 1.45
N GLU A 61 22.60 17.64 2.63
CA GLU A 61 22.75 18.62 3.69
C GLU A 61 23.68 19.78 3.34
N GLU A 62 24.67 19.51 2.50
CA GLU A 62 25.64 20.52 2.11
C GLU A 62 25.07 21.46 1.03
N THR A 63 24.49 20.92 -0.03
CA THR A 63 24.07 21.73 -1.19
C THR A 63 22.59 22.06 -1.27
N GLY A 64 21.77 21.32 -0.55
CA GLY A 64 20.34 21.50 -0.59
C GLY A 64 19.70 20.77 -1.77
N ASN A 65 20.49 20.00 -2.56
CA ASN A 65 19.94 19.30 -3.72
C ASN A 65 18.91 18.27 -3.25
N ARG A 66 17.76 18.27 -3.92
CA ARG A 66 16.67 17.39 -3.61
C ARG A 66 16.59 16.28 -4.65
N ARG A 67 16.47 15.04 -4.19
CA ARG A 67 16.29 13.88 -5.03
C ARG A 67 15.07 13.16 -4.50
N PRO A 68 14.03 12.97 -5.32
CA PRO A 68 12.85 12.27 -4.81
C PRO A 68 13.15 10.83 -4.45
N VAL A 69 12.40 10.30 -3.50
CA VAL A 69 12.57 8.91 -3.05
C VAL A 69 11.26 8.16 -3.19
N MET A 70 11.36 6.84 -3.26
CA MET A 70 10.20 5.96 -3.26
C MET A 70 10.43 4.72 -2.42
N LEU A 71 9.32 4.15 -1.95
CA LEU A 71 9.30 2.92 -1.19
C LEU A 71 8.61 1.91 -2.09
N THR A 72 9.27 0.80 -2.42
CA THR A 72 8.64 -0.25 -3.24
C THR A 72 7.55 -0.92 -2.37
N LEU A 73 6.47 -1.36 -2.98
CA LEU A 73 5.35 -1.97 -2.29
C LEU A 73 5.14 -3.39 -2.80
N LEU A 74 4.96 -4.34 -1.86
CA LEU A 74 4.72 -5.72 -2.19
C LEU A 74 3.22 -5.96 -2.38
N ARG A 75 2.87 -6.77 -3.36
CA ARG A 75 1.47 -7.02 -3.68
C ARG A 75 0.78 -7.73 -2.52
N VAL A 76 -0.47 -7.36 -2.27
CA VAL A 76 -1.31 -7.99 -1.24
C VAL A 76 -2.64 -8.35 -1.92
N PRO A 77 -3.05 -9.64 -1.99
CA PRO A 77 -2.32 -10.85 -1.58
C PRO A 77 -1.09 -11.12 -2.46
N ARG A 78 -0.23 -12.02 -2.01
CA ARG A 78 0.96 -12.43 -2.78
C ARG A 78 0.53 -13.35 -3.92
N LEU A 79 1.25 -13.33 -5.07
CA LEU A 79 0.94 -14.26 -6.16
C LEU A 79 1.58 -15.61 -5.89
N ASN A 80 0.96 -16.69 -6.40
CA ASN A 80 1.48 -18.05 -6.23
C ASN A 80 2.77 -18.30 -7.03
N ASN B 6 -6.89 12.72 -6.49
CA ASN B 6 -5.54 13.24 -6.70
C ASN B 6 -4.53 12.35 -5.95
N ASN B 7 -4.46 11.06 -6.31
CA ASN B 7 -3.55 10.13 -5.68
C ASN B 7 -2.20 9.97 -6.40
N TRP B 8 -2.09 10.35 -7.70
CA TRP B 8 -0.80 10.24 -8.41
C TRP B 8 -0.07 11.57 -8.37
N ARG B 9 1.27 11.51 -8.33
CA ARG B 9 2.09 12.70 -8.32
C ARG B 9 3.31 12.50 -9.22
N TRP B 10 3.84 13.58 -9.75
CA TRP B 10 5.07 13.59 -10.53
C TRP B 10 5.99 14.61 -9.87
N PHE B 11 7.31 14.39 -9.90
CA PHE B 11 8.23 15.29 -9.23
C PHE B 11 8.72 16.38 -10.16
N ASP B 12 8.61 17.63 -9.72
CA ASP B 12 9.07 18.78 -10.47
C ASP B 12 10.44 19.15 -9.93
N ASP B 13 11.48 18.85 -10.70
CA ASP B 13 12.86 19.12 -10.34
C ASP B 13 13.17 20.61 -10.26
N ARG B 14 12.42 21.47 -10.98
CA ARG B 14 12.73 22.91 -10.96
C ARG B 14 12.32 23.48 -9.61
N SER B 15 11.12 23.15 -9.16
CA SER B 15 10.65 23.63 -7.85
C SER B 15 11.07 22.72 -6.67
N GLY B 16 11.45 21.48 -6.95
CA GLY B 16 11.86 20.54 -5.92
C GLY B 16 10.68 20.01 -5.12
N ARG B 17 9.52 19.83 -5.78
CA ARG B 17 8.30 19.38 -5.11
C ARG B 17 7.54 18.35 -5.92
N TRP B 18 6.85 17.43 -5.25
CA TRP B 18 5.91 16.52 -5.87
C TRP B 18 4.66 17.33 -6.24
N CYS B 19 4.11 17.08 -7.43
CA CYS B 19 2.98 17.80 -8.00
C CYS B 19 1.84 16.89 -8.33
N SER B 20 0.62 17.36 -8.12
CA SER B 20 -0.57 16.63 -8.47
C SER B 20 -0.88 16.80 -9.94
N TYR B 21 -1.58 15.83 -10.51
CA TYR B 21 -2.08 15.90 -11.86
C TYR B 21 -3.47 16.57 -11.81
N SER B 22 -3.98 17.00 -12.98
CA SER B 22 -5.37 17.46 -13.08
C SER B 22 -6.29 16.26 -12.75
N ALA B 23 -7.54 16.51 -12.35
CA ALA B 23 -8.47 15.43 -12.03
C ALA B 23 -8.61 14.45 -13.23
N SER B 24 -8.68 14.98 -14.44
CA SER B 24 -8.83 14.17 -15.66
C SER B 24 -7.59 13.27 -15.92
N ASN B 25 -6.38 13.84 -15.81
CA ASN B 25 -5.17 13.03 -16.03
C ASN B 25 -4.92 12.04 -14.93
N ASN B 26 -5.24 12.44 -13.68
CA ASN B 26 -5.13 11.51 -12.56
C ASN B 26 -6.06 10.32 -12.77
N SER B 27 -7.29 10.57 -13.26
CA SER B 27 -8.25 9.50 -13.52
C SER B 27 -7.79 8.58 -14.65
N THR B 28 -7.23 9.14 -15.74
CA THR B 28 -6.68 8.36 -16.84
C THR B 28 -5.55 7.44 -16.35
N ILE B 29 -4.63 8.00 -15.56
CA ILE B 29 -3.51 7.23 -15.04
C ILE B 29 -4.00 6.13 -14.09
N ASP B 30 -4.86 6.50 -13.12
CA ASP B 30 -5.34 5.54 -12.12
C ASP B 30 -6.20 4.42 -12.72
N SER B 31 -6.97 4.71 -13.77
CA SER B 31 -7.77 3.68 -14.42
C SER B 31 -6.84 2.66 -15.11
N ALA B 32 -5.77 3.13 -15.78
CA ALA B 32 -4.80 2.22 -16.41
C ALA B 32 -4.05 1.42 -15.34
N TRP B 33 -3.72 2.06 -14.23
CA TRP B 33 -3.06 1.38 -13.11
C TRP B 33 -3.95 0.21 -12.60
N LYS B 34 -5.23 0.50 -12.33
CA LYS B 34 -6.15 -0.51 -11.81
C LYS B 34 -6.48 -1.61 -12.83
N SER B 35 -6.37 -1.31 -14.14
CA SER B 35 -6.60 -2.31 -15.19
C SER B 35 -5.40 -3.25 -15.44
N GLY B 36 -4.27 -3.04 -14.78
CA GLY B 36 -3.09 -3.88 -14.97
C GLY B 36 -2.24 -3.54 -16.18
N GLU B 37 -2.47 -2.36 -16.79
CA GLU B 37 -1.65 -1.93 -17.94
C GLU B 37 -0.21 -1.64 -17.49
N THR B 38 0.79 -1.85 -18.36
CA THR B 38 2.19 -1.55 -18.00
C THR B 38 2.55 -0.06 -18.23
N SER B 39 1.77 0.66 -19.03
CA SER B 39 1.98 2.07 -19.31
C SER B 39 0.66 2.74 -19.69
N VAL B 40 0.64 4.08 -19.69
CA VAL B 40 -0.55 4.83 -20.08
C VAL B 40 -0.11 6.14 -20.71
N ARG B 41 -0.83 6.56 -21.74
CA ARG B 41 -0.60 7.82 -22.40
C ARG B 41 -1.66 8.81 -21.94
N PHE B 42 -1.26 10.07 -21.80
CA PHE B 42 -2.20 11.13 -21.47
C PHE B 42 -1.72 12.44 -22.08
N THR B 43 -2.62 13.43 -22.16
CA THR B 43 -2.27 14.74 -22.70
C THR B 43 -2.65 15.84 -21.74
N ALA B 44 -1.88 16.94 -21.76
CA ALA B 44 -2.20 18.17 -21.04
C ALA B 44 -2.33 19.17 -22.17
N GLY B 45 -3.57 19.40 -22.60
CA GLY B 45 -3.84 20.14 -23.82
C GLY B 45 -3.42 19.23 -24.96
N ARG B 46 -2.51 19.67 -25.78
CA ARG B 46 -1.92 18.83 -26.81
C ARG B 46 -0.59 18.20 -26.37
N ARG B 47 0.00 18.65 -25.26
CA ARG B 47 1.29 18.10 -24.83
C ARG B 47 1.14 16.62 -24.43
N ARG B 48 1.95 15.74 -25.01
CA ARG B 48 1.83 14.29 -24.83
C ARG B 48 2.81 13.75 -23.81
N TYR B 49 2.35 12.80 -22.99
CA TYR B 49 3.15 12.11 -21.96
C TYR B 49 2.82 10.63 -21.92
N THR B 50 3.79 9.83 -21.46
CA THR B 50 3.60 8.40 -21.20
C THR B 50 4.06 8.15 -19.76
N VAL B 51 3.25 7.51 -18.94
CA VAL B 51 3.64 7.07 -17.61
C VAL B 51 3.99 5.60 -17.78
N GLN B 52 5.22 5.23 -17.42
CA GLN B 52 5.71 3.86 -17.51
C GLN B 52 5.62 3.28 -16.08
N PHE B 53 4.68 2.39 -15.85
CA PHE B 53 4.46 1.81 -14.52
C PHE B 53 5.51 0.80 -14.08
N THR B 54 6.26 0.23 -15.03
CA THR B 54 7.31 -0.73 -14.67
C THR B 54 8.56 -0.01 -14.14
N THR B 55 8.73 1.29 -14.42
CA THR B 55 9.84 2.08 -13.90
C THR B 55 9.37 3.23 -13.00
N MET B 56 8.06 3.56 -12.98
CA MET B 56 7.50 4.67 -12.21
C MET B 56 8.14 5.96 -12.67
N VAL B 57 8.09 6.19 -13.99
CA VAL B 57 8.64 7.36 -14.65
C VAL B 57 7.61 7.88 -15.67
N GLN B 58 7.51 9.21 -15.79
CA GLN B 58 6.70 9.91 -16.76
C GLN B 58 7.68 10.42 -17.81
N VAL B 59 7.42 10.13 -19.09
CA VAL B 59 8.23 10.60 -20.18
C VAL B 59 7.44 11.70 -20.89
N ASN B 60 8.05 12.87 -21.00
CA ASN B 60 7.47 13.97 -21.73
C ASN B 60 7.77 13.64 -23.20
N GLU B 61 6.74 13.41 -24.01
CA GLU B 61 6.94 12.96 -25.38
C GLU B 61 7.25 14.09 -26.36
N GLU B 62 7.44 15.31 -25.89
CA GLU B 62 7.84 16.44 -26.71
C GLU B 62 9.28 16.85 -26.38
N THR B 63 9.72 16.75 -25.12
CA THR B 63 11.08 17.12 -24.74
C THR B 63 11.98 15.92 -24.44
N GLY B 64 11.40 14.77 -24.15
CA GLY B 64 12.11 13.57 -23.75
C GLY B 64 12.46 13.53 -22.27
N ASN B 65 12.13 14.58 -21.52
CA ASN B 65 12.49 14.61 -20.11
C ASN B 65 11.73 13.53 -19.34
N ARG B 66 12.45 12.84 -18.45
CA ARG B 66 11.90 11.81 -17.61
C ARG B 66 11.77 12.34 -16.16
N ARG B 67 10.57 12.32 -15.63
CA ARG B 67 10.29 12.72 -14.26
C ARG B 67 9.76 11.51 -13.52
N PRO B 68 10.15 11.33 -12.26
CA PRO B 68 9.60 10.20 -11.49
C PRO B 68 8.15 10.44 -11.08
N VAL B 69 7.41 9.36 -10.89
CA VAL B 69 6.03 9.41 -10.45
C VAL B 69 5.89 8.60 -9.16
N MET B 70 4.85 8.93 -8.39
CA MET B 70 4.54 8.16 -7.20
C MET B 70 3.03 8.03 -7.04
N LEU B 71 2.64 6.97 -6.35
CA LEU B 71 1.27 6.71 -6.02
C LEU B 71 1.20 6.92 -4.52
N THR B 72 0.35 7.84 -4.06
CA THR B 72 0.19 8.07 -2.64
C THR B 72 -0.58 6.88 -2.08
N LEU B 73 -0.27 6.49 -0.84
CA LEU B 73 -0.93 5.36 -0.22
C LEU B 73 -1.58 5.85 1.06
N LEU B 74 -2.87 5.52 1.24
CA LEU B 74 -3.63 5.93 2.41
C LEU B 74 -3.50 4.85 3.48
N ARG B 75 -3.45 5.28 4.74
CA ARG B 75 -3.21 4.39 5.87
C ARG B 75 -4.29 3.31 5.97
N VAL B 76 -3.90 2.09 6.35
CA VAL B 76 -4.84 0.99 6.58
C VAL B 76 -4.53 0.39 7.96
N PRO B 77 -5.49 0.39 8.93
CA PRO B 77 -6.85 0.97 8.87
C PRO B 77 -6.79 2.51 8.84
N ARG B 78 -7.92 3.14 8.57
CA ARG B 78 -8.02 4.59 8.60
C ARG B 78 -8.01 5.09 10.06
N LEU B 79 -7.46 6.29 10.32
CA LEU B 79 -7.52 6.87 11.66
C LEU B 79 -8.90 7.51 11.90
N ASN B 80 -9.36 7.51 13.16
CA ASN B 80 -10.64 8.14 13.52
C ASN B 80 -10.61 9.67 13.45
N ASN C 6 -12.34 -4.37 -8.92
CA ASN C 6 -12.81 -5.17 -7.79
C ASN C 6 -11.63 -5.37 -6.85
N ASN C 7 -11.25 -4.28 -6.17
CA ASN C 7 -10.13 -4.30 -5.24
C ASN C 7 -10.51 -4.55 -3.75
N TRP C 8 -11.79 -4.43 -3.36
CA TRP C 8 -12.20 -4.69 -1.98
C TRP C 8 -12.71 -6.10 -1.84
N ARG C 9 -12.51 -6.71 -0.67
CA ARG C 9 -12.98 -8.06 -0.40
C ARG C 9 -13.53 -8.14 1.02
N TRP C 10 -14.46 -9.06 1.26
CA TRP C 10 -14.97 -9.36 2.59
C TRP C 10 -14.77 -10.85 2.84
N PHE C 11 -14.45 -11.25 4.08
CA PHE C 11 -14.21 -12.67 4.37
C PHE C 11 -15.48 -13.39 4.77
N ASP C 12 -15.74 -14.54 4.14
CA ASP C 12 -16.86 -15.38 4.46
C ASP C 12 -16.40 -16.54 5.35
N ASP C 13 -16.72 -16.51 6.66
CA ASP C 13 -16.29 -17.58 7.56
C ASP C 13 -17.04 -18.91 7.36
N ARG C 14 -18.12 -18.93 6.59
CA ARG C 14 -18.88 -20.15 6.33
C ARG C 14 -18.08 -20.98 5.31
N SER C 15 -17.57 -20.34 4.25
CA SER C 15 -16.77 -21.01 3.22
C SER C 15 -15.26 -20.93 3.49
N GLY C 16 -14.80 -20.05 4.38
CA GLY C 16 -13.38 -19.87 4.64
C GLY C 16 -12.65 -19.16 3.50
N ARG C 17 -13.34 -18.27 2.76
CA ARG C 17 -12.70 -17.57 1.63
C ARG C 17 -13.02 -16.08 1.61
N TRP C 18 -12.12 -15.30 1.00
CA TRP C 18 -12.34 -13.89 0.72
C TRP C 18 -13.27 -13.81 -0.51
N CYS C 19 -14.19 -12.84 -0.51
CA CYS C 19 -15.20 -12.66 -1.55
C CYS C 19 -15.12 -11.27 -2.14
N SER C 20 -15.33 -11.15 -3.45
CA SER C 20 -15.37 -9.88 -4.14
C SER C 20 -16.77 -9.25 -4.00
N TYR C 21 -16.81 -7.93 -4.09
CA TYR C 21 -18.07 -7.20 -4.14
C TYR C 21 -18.48 -7.06 -5.60
N SER C 22 -19.75 -6.70 -5.86
CA SER C 22 -20.19 -6.39 -7.23
C SER C 22 -19.45 -5.12 -7.69
N ALA C 23 -19.35 -4.87 -9.00
CA ALA C 23 -18.69 -3.65 -9.50
C ALA C 23 -19.30 -2.37 -8.87
N SER C 24 -20.63 -2.33 -8.75
CA SER C 24 -21.33 -1.18 -8.16
C SER C 24 -21.01 -0.96 -6.66
N ASN C 25 -21.06 -2.04 -5.87
CA ASN C 25 -20.78 -1.91 -4.43
C ASN C 25 -19.31 -1.66 -4.18
N ASN C 26 -18.43 -2.29 -4.98
CA ASN C 26 -17.00 -2.02 -4.89
C ASN C 26 -16.73 -0.55 -5.18
N SER C 27 -17.41 0.03 -6.19
CA SER C 27 -17.22 1.43 -6.53
C SER C 27 -17.71 2.36 -5.41
N THR C 28 -18.87 2.05 -4.80
CA THR C 28 -19.39 2.83 -3.66
C THR C 28 -18.37 2.81 -2.51
N ILE C 29 -17.84 1.63 -2.18
CA ILE C 29 -16.84 1.49 -1.10
C ILE C 29 -15.56 2.25 -1.44
N ASP C 30 -15.00 2.00 -2.63
CA ASP C 30 -13.74 2.62 -3.06
C ASP C 30 -13.83 4.14 -3.20
N SER C 31 -14.97 4.70 -3.63
N SER C 31 -14.96 4.70 -3.63
CA SER C 31 -15.11 6.16 -3.73
CA SER C 31 -15.13 6.14 -3.75
C SER C 31 -15.09 6.79 -2.34
C SER C 31 -15.11 6.79 -2.36
N ALA C 32 -15.76 6.17 -1.36
CA ALA C 32 -15.75 6.69 0.01
C ALA C 32 -14.32 6.55 0.59
N TRP C 33 -13.61 5.47 0.26
CA TRP C 33 -12.24 5.26 0.72
C TRP C 33 -11.33 6.39 0.18
N LYS C 34 -11.40 6.65 -1.12
CA LYS C 34 -10.57 7.68 -1.75
C LYS C 34 -10.95 9.10 -1.29
N SER C 35 -12.20 9.32 -0.87
CA SER C 35 -12.66 10.62 -0.38
C SER C 35 -12.32 10.92 1.08
N GLY C 36 -11.68 10.00 1.79
CA GLY C 36 -11.31 10.21 3.17
C GLY C 36 -12.41 10.01 4.19
N GLU C 37 -13.53 9.37 3.79
CA GLU C 37 -14.62 9.10 4.74
C GLU C 37 -14.18 8.01 5.73
N THR C 38 -14.69 8.02 6.97
CA THR C 38 -14.33 6.98 7.94
C THR C 38 -15.20 5.70 7.81
N SER C 39 -16.35 5.81 7.12
CA SER C 39 -17.23 4.68 6.88
C SER C 39 -18.08 4.91 5.63
N VAL C 40 -18.73 3.86 5.14
CA VAL C 40 -19.59 3.93 3.97
C VAL C 40 -20.66 2.84 4.06
N ARG C 41 -21.87 3.15 3.62
CA ARG C 41 -22.95 2.18 3.58
C ARG C 41 -23.23 1.77 2.16
N PHE C 42 -23.64 0.53 1.96
CA PHE C 42 -24.07 0.02 0.68
C PHE C 42 -25.17 -1.03 0.91
N THR C 43 -25.94 -1.33 -0.15
CA THR C 43 -27.02 -2.30 -0.08
C THR C 43 -26.75 -3.52 -0.98
N ALA C 44 -27.12 -4.72 -0.51
CA ALA C 44 -27.05 -5.95 -1.31
C ALA C 44 -28.05 -6.96 -0.79
N GLY C 45 -28.89 -7.54 -1.66
CA GLY C 45 -29.81 -8.62 -1.29
C GLY C 45 -30.68 -8.38 -0.06
N ARG C 46 -31.36 -7.21 -0.03
CA ARG C 46 -32.27 -6.75 1.03
C ARG C 46 -31.60 -6.48 2.35
N ARG C 47 -30.29 -6.23 2.32
CA ARG C 47 -29.53 -5.94 3.53
C ARG C 47 -28.67 -4.71 3.28
N ARG C 48 -28.56 -3.86 4.29
CA ARG C 48 -27.70 -2.69 4.31
C ARG C 48 -26.50 -3.06 5.15
N TYR C 49 -25.32 -2.69 4.67
CA TYR C 49 -24.06 -2.94 5.36
C TYR C 49 -23.29 -1.64 5.52
N THR C 50 -22.49 -1.54 6.57
CA THR C 50 -21.59 -0.42 6.79
C THR C 50 -20.17 -0.97 6.80
N VAL C 51 -19.28 -0.44 5.97
CA VAL C 51 -17.88 -0.78 5.99
C VAL C 51 -17.22 0.30 6.86
N GLN C 52 -16.64 -0.11 7.98
CA GLN C 52 -15.99 0.78 8.92
C GLN C 52 -14.52 0.75 8.55
N PHE C 53 -14.03 1.82 7.94
CA PHE C 53 -12.62 1.89 7.52
C PHE C 53 -11.65 2.04 8.68
N THR C 54 -12.11 2.51 9.85
CA THR C 54 -11.20 2.65 10.99
C THR C 54 -10.87 1.30 11.63
N THR C 55 -11.68 0.25 11.39
CA THR C 55 -11.44 -1.09 11.91
C THR C 55 -11.31 -2.15 10.80
N MET C 56 -11.65 -1.82 9.54
CA MET C 56 -11.63 -2.74 8.41
C MET C 56 -12.58 -3.92 8.71
N VAL C 57 -13.81 -3.55 9.08
CA VAL C 57 -14.87 -4.50 9.41
C VAL C 57 -16.15 -4.00 8.72
N GLN C 58 -16.90 -4.93 8.15
CA GLN C 58 -18.20 -4.72 7.54
C GLN C 58 -19.25 -5.16 8.59
N VAL C 59 -20.25 -4.33 8.84
CA VAL C 59 -21.31 -4.63 9.79
C VAL C 59 -22.62 -4.76 9.01
N ASN C 60 -23.30 -5.88 9.19
CA ASN C 60 -24.60 -6.12 8.60
C ASN C 60 -25.56 -5.35 9.49
N GLU C 61 -26.22 -4.33 8.96
CA GLU C 61 -27.09 -3.48 9.80
C GLU C 61 -28.41 -4.15 10.17
N GLU C 62 -28.79 -5.22 9.47
CA GLU C 62 -30.01 -5.92 9.81
C GLU C 62 -29.76 -6.88 10.99
N THR C 63 -28.66 -7.67 10.93
CA THR C 63 -28.39 -8.68 11.95
C THR C 63 -27.36 -8.28 13.01
N GLY C 64 -26.52 -7.32 12.71
CA GLY C 64 -25.41 -6.93 13.58
C GLY C 64 -24.12 -7.72 13.30
N ASN C 65 -24.15 -8.73 12.41
CA ASN C 65 -23.00 -9.55 12.15
C ASN C 65 -21.82 -8.77 11.57
N ARG C 66 -20.63 -9.04 12.07
CA ARG C 66 -19.40 -8.36 11.66
C ARG C 66 -18.52 -9.30 10.85
N ARG C 67 -18.09 -8.85 9.67
CA ARG C 67 -17.18 -9.61 8.81
C ARG C 67 -16.00 -8.74 8.48
N PRO C 68 -14.78 -9.28 8.48
CA PRO C 68 -13.63 -8.44 8.14
C PRO C 68 -13.54 -8.12 6.67
N VAL C 69 -12.92 -6.99 6.33
CA VAL C 69 -12.71 -6.59 4.94
C VAL C 69 -11.21 -6.37 4.69
N MET C 70 -10.83 -6.41 3.41
CA MET C 70 -9.49 -6.07 3.00
C MET C 70 -9.48 -5.29 1.69
N LEU C 71 -8.41 -4.54 1.50
CA LEU C 71 -8.16 -3.75 0.31
C LEU C 71 -6.96 -4.40 -0.36
N THR C 72 -7.11 -4.88 -1.59
CA THR C 72 -6.01 -5.50 -2.30
C THR C 72 -5.04 -4.38 -2.69
N LEU C 73 -3.75 -4.67 -2.75
CA LEU C 73 -2.75 -3.69 -3.13
C LEU C 73 -1.93 -4.24 -4.27
N LEU C 74 -1.74 -3.42 -5.32
CA LEU C 74 -0.98 -3.79 -6.49
C LEU C 74 0.48 -3.40 -6.27
N ARG C 75 1.38 -4.22 -6.81
CA ARG C 75 2.81 -4.07 -6.64
C ARG C 75 3.27 -2.74 -7.22
N VAL C 76 4.24 -2.10 -6.56
CA VAL C 76 4.87 -0.86 -7.02
C VAL C 76 6.39 -1.06 -6.95
N PRO C 77 7.14 -0.96 -8.06
CA PRO C 77 6.67 -0.77 -9.45
C PRO C 77 5.95 -2.02 -9.99
N ARG C 78 5.29 -1.87 -11.12
CA ARG C 78 4.64 -2.98 -11.82
C ARG C 78 5.70 -3.87 -12.47
N LEU C 79 5.47 -5.19 -12.53
CA LEU C 79 6.39 -6.09 -13.22
C LEU C 79 6.13 -6.02 -14.74
N ASN C 80 7.15 -6.28 -15.55
CA ASN C 80 7.03 -6.26 -17.01
C ASN C 80 6.21 -7.45 -17.53
N ASN D 6 4.13 -4.48 15.32
CA ASN D 6 2.76 -4.90 15.59
C ASN D 6 1.89 -4.62 14.34
N ASN D 7 2.36 -5.01 13.15
CA ASN D 7 1.68 -4.71 11.91
C ASN D 7 0.73 -5.81 11.36
N TRP D 8 0.82 -7.07 11.83
CA TRP D 8 -0.07 -8.14 11.35
C TRP D 8 -1.20 -8.39 12.32
N ARG D 9 -2.38 -8.73 11.78
CA ARG D 9 -3.55 -9.01 12.59
C ARG D 9 -4.32 -10.20 12.03
N TRP D 10 -5.07 -10.89 12.89
CA TRP D 10 -5.96 -11.97 12.48
C TRP D 10 -7.35 -11.66 13.02
N PHE D 11 -8.41 -12.02 12.29
CA PHE D 11 -9.76 -11.71 12.74
C PHE D 11 -10.33 -12.81 13.59
N ASP D 12 -10.90 -12.46 14.74
CA ASP D 12 -11.51 -13.42 15.62
C ASP D 12 -13.01 -13.27 15.51
N ASP D 13 -13.69 -14.20 14.84
CA ASP D 13 -15.15 -14.11 14.70
C ASP D 13 -15.93 -14.39 15.99
N ARG D 14 -15.28 -14.92 17.02
CA ARG D 14 -15.93 -15.16 18.32
C ARG D 14 -16.12 -13.81 19.03
N SER D 15 -15.13 -12.90 18.94
CA SER D 15 -15.23 -11.56 19.53
C SER D 15 -15.66 -10.47 18.53
N GLY D 16 -15.59 -10.76 17.22
CA GLY D 16 -15.90 -9.81 16.17
C GLY D 16 -14.86 -8.72 16.00
N ARG D 17 -13.59 -9.02 16.32
CA ARG D 17 -12.54 -8.01 16.25
C ARG D 17 -11.25 -8.54 15.66
N TRP D 18 -10.46 -7.63 15.06
CA TRP D 18 -9.10 -7.93 14.63
C TRP D 18 -8.24 -8.04 15.90
N CYS D 19 -7.29 -8.96 15.90
N CYS D 19 -7.28 -8.97 15.89
CA CYS D 19 -6.45 -9.27 17.05
CA CYS D 19 -6.41 -9.27 17.02
C CYS D 19 -4.98 -9.23 16.66
C CYS D 19 -4.97 -9.16 16.61
N SER D 20 -4.15 -8.59 17.48
CA SER D 20 -2.73 -8.50 17.21
C SER D 20 -2.04 -9.81 17.57
N TYR D 21 -0.97 -10.11 16.86
CA TYR D 21 -0.11 -11.24 17.19
C TYR D 21 0.85 -10.80 18.28
N SER D 22 1.44 -11.76 19.00
CA SER D 22 2.49 -11.46 19.98
C SER D 22 3.68 -10.82 19.23
N ALA D 23 4.58 -10.08 19.92
CA ALA D 23 5.71 -9.44 19.23
C ALA D 23 6.56 -10.49 18.47
N SER D 24 6.76 -11.66 19.08
CA SER D 24 7.53 -12.75 18.47
C SER D 24 6.86 -13.31 17.21
N ASN D 25 5.54 -13.60 17.26
CA ASN D 25 4.85 -14.16 16.09
C ASN D 25 4.71 -13.12 15.00
N ASN D 26 4.49 -11.85 15.37
CA ASN D 26 4.43 -10.77 14.40
C ASN D 26 5.77 -10.66 13.64
N SER D 27 6.89 -10.76 14.37
CA SER D 27 8.20 -10.72 13.74
C SER D 27 8.45 -11.95 12.83
N THR D 28 8.01 -13.14 13.24
CA THR D 28 8.15 -14.36 12.42
C THR D 28 7.36 -14.20 11.11
N ILE D 29 6.12 -13.72 11.22
CA ILE D 29 5.27 -13.53 10.04
C ILE D 29 5.85 -12.45 9.12
N ASP D 30 6.21 -11.31 9.70
CA ASP D 30 6.72 -10.20 8.92
C ASP D 30 8.07 -10.50 8.25
N SER D 31 8.94 -11.30 8.88
CA SER D 31 10.21 -11.69 8.27
C SER D 31 9.98 -12.55 7.02
N ALA D 32 9.03 -13.49 7.08
CA ALA D 32 8.70 -14.32 5.92
C ALA D 32 8.05 -13.47 4.83
N TRP D 33 7.20 -12.52 5.22
CA TRP D 33 6.54 -11.62 4.28
C TRP D 33 7.60 -10.82 3.50
N LYS D 34 8.54 -10.22 4.21
CA LYS D 34 9.60 -9.41 3.57
C LYS D 34 10.59 -10.24 2.77
N SER D 35 10.74 -11.54 3.09
CA SER D 35 11.64 -12.42 2.33
C SER D 35 11.01 -12.97 1.02
N GLY D 36 9.76 -12.65 0.74
CA GLY D 36 9.09 -13.12 -0.47
C GLY D 36 8.50 -14.51 -0.39
N GLU D 37 8.41 -15.08 0.82
CA GLU D 37 7.87 -16.44 0.97
C GLU D 37 6.35 -16.43 0.72
N THR D 38 5.79 -17.54 0.25
CA THR D 38 4.34 -17.62 0.00
C THR D 38 3.55 -18.02 1.27
N SER D 39 4.23 -18.53 2.31
CA SER D 39 3.59 -18.94 3.56
C SER D 39 4.59 -18.94 4.72
N VAL D 40 4.08 -19.01 5.96
CA VAL D 40 4.90 -19.04 7.15
C VAL D 40 4.20 -19.84 8.25
N ARG D 41 5.00 -20.53 9.06
CA ARG D 41 4.52 -21.32 10.17
C ARG D 41 4.79 -20.57 11.46
N PHE D 42 3.89 -20.71 12.43
CA PHE D 42 4.15 -20.20 13.77
C PHE D 42 3.34 -21.04 14.78
N THR D 43 3.62 -20.88 16.07
CA THR D 43 2.85 -21.53 17.12
C THR D 43 2.37 -20.50 18.14
N ALA D 44 1.20 -20.76 18.74
CA ALA D 44 0.66 -19.93 19.82
C ALA D 44 -0.17 -20.83 20.73
N GLY D 45 0.05 -20.73 22.04
CA GLY D 45 -0.72 -21.50 23.02
C GLY D 45 -0.75 -23.00 22.80
N ARG D 46 0.41 -23.58 22.38
CA ARG D 46 0.60 -25.01 22.06
C ARG D 46 -0.19 -25.46 20.81
N ARG D 47 -0.54 -24.53 19.94
CA ARG D 47 -1.24 -24.82 18.69
C ARG D 47 -0.38 -24.36 17.52
N ARG D 48 -0.39 -25.13 16.43
CA ARG D 48 0.35 -24.85 15.22
C ARG D 48 -0.56 -24.19 14.19
N TYR D 49 -0.04 -23.12 13.55
CA TYR D 49 -0.76 -22.40 12.49
C TYR D 49 0.15 -22.16 11.28
N THR D 50 -0.47 -21.99 10.12
CA THR D 50 0.22 -21.61 8.89
C THR D 50 -0.50 -20.39 8.36
N VAL D 51 0.22 -19.33 8.01
CA VAL D 51 -0.34 -18.16 7.36
C VAL D 51 -0.02 -18.33 5.88
N GLN D 52 -1.06 -18.32 5.05
CA GLN D 52 -0.95 -18.43 3.62
C GLN D 52 -1.03 -17.02 3.06
N PHE D 53 0.08 -16.48 2.57
CA PHE D 53 0.10 -15.12 2.03
C PHE D 53 -0.58 -14.97 0.68
N THR D 54 -0.76 -16.07 -0.06
CA THR D 54 -1.41 -15.99 -1.37
C THR D 54 -2.92 -15.83 -1.25
N THR D 55 -3.50 -16.12 -0.09
CA THR D 55 -4.93 -15.97 0.20
C THR D 55 -5.18 -15.05 1.42
N MET D 56 -4.15 -14.67 2.19
CA MET D 56 -4.27 -13.85 3.40
C MET D 56 -5.19 -14.52 4.40
N VAL D 57 -4.85 -15.81 4.68
CA VAL D 57 -5.61 -16.64 5.60
C VAL D 57 -4.64 -17.39 6.50
N GLN D 58 -4.99 -17.51 7.79
CA GLN D 58 -4.30 -18.32 8.79
C GLN D 58 -5.08 -19.65 8.91
N VAL D 59 -4.38 -20.76 8.88
CA VAL D 59 -4.99 -22.08 8.98
C VAL D 59 -4.52 -22.74 10.30
N ASN D 60 -5.48 -23.18 11.11
CA ASN D 60 -5.22 -23.91 12.35
C ASN D 60 -4.89 -25.32 11.89
N GLU D 61 -3.69 -25.81 12.19
CA GLU D 61 -3.25 -27.09 11.66
C GLU D 61 -3.94 -28.30 12.32
N GLU D 62 -4.48 -28.14 13.52
CA GLU D 62 -5.22 -29.20 14.19
C GLU D 62 -6.66 -29.31 13.67
N THR D 63 -7.39 -28.18 13.60
CA THR D 63 -8.82 -28.20 13.23
C THR D 63 -9.13 -27.91 11.77
N GLY D 64 -8.19 -27.31 11.07
CA GLY D 64 -8.39 -26.90 9.68
C GLY D 64 -9.09 -25.55 9.57
N ASN D 65 -9.47 -24.92 10.71
CA ASN D 65 -10.20 -23.66 10.67
C ASN D 65 -9.36 -22.55 10.06
N ARG D 66 -9.99 -21.76 9.19
CA ARG D 66 -9.34 -20.68 8.47
C ARG D 66 -9.83 -19.34 9.00
N ARG D 67 -8.91 -18.46 9.40
CA ARG D 67 -9.23 -17.12 9.87
C ARG D 67 -8.48 -16.14 8.98
N PRO D 68 -9.08 -15.02 8.63
CA PRO D 68 -8.39 -14.06 7.75
C PRO D 68 -7.32 -13.27 8.47
N VAL D 69 -6.32 -12.82 7.74
CA VAL D 69 -5.25 -11.99 8.27
C VAL D 69 -5.17 -10.68 7.47
N MET D 70 -4.57 -9.68 8.06
CA MET D 70 -4.33 -8.42 7.41
C MET D 70 -2.98 -7.84 7.83
N LEU D 71 -2.43 -7.01 6.96
CA LEU D 71 -1.19 -6.31 7.12
C LEU D 71 -1.57 -4.83 7.17
N THR D 72 -1.22 -4.14 8.25
CA THR D 72 -1.49 -2.70 8.35
C THR D 72 -0.51 -1.99 7.40
N LEU D 73 -0.94 -0.87 6.82
N LEU D 73 -0.92 -0.84 6.90
CA LEU D 73 -0.13 -0.12 5.85
CA LEU D 73 -0.10 -0.07 5.99
C LEU D 73 0.06 1.32 6.34
C LEU D 73 0.15 1.29 6.55
N LEU D 74 1.35 1.81 6.31
CA LEU D 74 1.72 3.13 6.72
C LEU D 74 1.47 4.08 5.55
N ARG D 75 0.98 5.27 5.86
CA ARG D 75 0.66 6.27 4.85
C ARG D 75 1.93 6.71 4.13
N VAL D 76 1.82 6.94 2.80
CA VAL D 76 2.92 7.45 1.98
C VAL D 76 2.34 8.62 1.19
N PRO D 77 2.86 9.87 1.35
CA PRO D 77 3.91 10.31 2.28
C PRO D 77 3.43 10.25 3.74
N ARG D 78 4.36 10.37 4.69
CA ARG D 78 4.03 10.43 6.12
C ARG D 78 3.43 11.81 6.44
N LEU D 79 2.50 11.88 7.43
CA LEU D 79 1.95 13.17 7.86
C LEU D 79 2.93 13.82 8.84
N ASN D 80 3.03 15.15 8.82
CA ASN D 80 3.95 15.88 9.70
C ASN D 80 3.22 16.17 11.00
CL CL E . 22.70 15.04 -3.96
CL CL F . 14.46 14.75 -10.04
CL CL G . 10.17 18.94 -19.90
CL CL H . -23.28 -10.64 7.51
C3 51X I . -24.58 -12.29 4.83
C4 51X I . -23.28 -12.40 4.05
C5 51X I . -22.18 -10.33 3.14
C6 51X I . -22.27 -9.59 1.86
C7 51X I . -21.59 -8.46 1.41
C8 51X I . -21.86 -7.97 0.15
C9 51X I . -22.81 -8.59 -0.65
C10 51X I . -23.50 -9.70 -0.19
C11 51X I . -23.21 -10.20 1.06
C12 51X I . -23.76 -11.35 1.83
O 51X I . -24.82 -13.26 5.60
N1 51X I . -23.10 -11.36 3.04
O1 51X I . -24.65 -12.13 1.51
O2 51X I . -21.43 -10.15 4.08
H4 51X I . -22.43 -12.39 4.73
H5 51X I . -23.24 -13.36 3.54
H6 51X I . -20.84 -7.98 2.05
OXT 51X I . -25.32 -11.30 4.70
H7 51X I . -21.34 -7.09 -0.22
H8 51X I . -23.03 -8.20 -1.64
H9 51X I . -24.25 -10.20 -0.81
CL CL J . 0.21 -14.63 18.71
CL CL K . -8.62 -21.45 14.58
C3 51X L . -8.22 -20.76 17.96
C4 51X L . -8.19 -19.24 17.83
C5 51X L . -6.18 -18.25 16.68
C6 51X L . -4.91 -17.65 17.15
C7 51X L . -3.87 -17.04 16.45
C8 51X L . -2.81 -16.52 17.16
C9 51X L . -2.78 -16.60 18.55
C10 51X L . -3.81 -17.22 19.25
C11 51X L . -4.88 -17.73 18.53
C12 51X L . -6.11 -18.41 18.98
O 51X L . -7.16 -21.43 17.83
N1 51X L . -6.84 -18.69 17.83
O1 51X L . -6.44 -18.76 20.11
O2 51X L . -6.63 -18.31 15.55
H4 51X L . -8.73 -18.92 16.95
H5 51X L . -8.72 -18.81 18.67
H6 51X L . -3.91 -16.97 15.37
OXT 51X L . -9.35 -21.26 18.17
H7 51X L . -1.99 -16.05 16.63
H8 51X L . -1.92 -16.21 19.10
H9 51X L . -3.79 -17.30 20.34
#